data_9BJF
#
_entry.id   9BJF
#
_cell.length_a   75.441
_cell.length_b   75.441
_cell.length_c   248.697
_cell.angle_alpha   90.00
_cell.angle_beta   90.00
_cell.angle_gamma   90.00
#
_symmetry.space_group_name_H-M   'P 43 21 2'
#
loop_
_entity.id
_entity.type
_entity.pdbx_description
1 polymer 'Molybdenum-pterin binding domain-containing protein'
2 non-polymer 'SULFATE ION'
3 water water
#
_entity_poly.entity_id   1
_entity_poly.type   'polypeptide(L)'
_entity_poly.pdbx_seq_one_letter_code
;MKLSARNQLAGKVVSIKEGAVNGIVVLDIGGGNQISSTISMDSIRELGLQVGSDAYAVIKATSVMIGIDDWSHPQFEK
;
_entity_poly.pdbx_strand_id   A,B,C,D,E,F
#
loop_
_chem_comp.id
_chem_comp.type
_chem_comp.name
_chem_comp.formula
SO4 non-polymer 'SULFATE ION' 'O4 S -2'
#
# COMPACT_ATOMS: atom_id res chain seq x y z
N MET A 1 -4.99 7.53 -18.10
CA MET A 1 -5.90 8.64 -17.78
C MET A 1 -5.35 10.05 -18.09
N LYS A 2 -4.08 10.40 -17.81
CA LYS A 2 -2.99 9.52 -17.42
C LYS A 2 -2.98 9.33 -15.92
N LEU A 3 -2.05 8.52 -15.43
CA LEU A 3 -1.90 8.29 -14.01
C LEU A 3 -0.56 8.81 -13.53
N SER A 4 -0.53 9.25 -12.27
CA SER A 4 0.64 9.88 -11.69
C SER A 4 1.85 8.95 -11.57
N ALA A 5 1.69 7.68 -11.87
CA ALA A 5 2.74 6.69 -11.70
C ALA A 5 3.76 6.78 -12.83
N ARG A 6 5.02 7.02 -12.47
CA ARG A 6 6.13 6.82 -13.40
C ARG A 6 6.32 5.35 -13.74
N ASN A 7 5.99 4.48 -12.78
CA ASN A 7 6.14 3.04 -12.98
C ASN A 7 4.90 2.57 -13.72
N GLN A 8 4.94 2.72 -15.04
CA GLN A 8 3.97 2.09 -15.94
C GLN A 8 4.77 1.23 -16.90
N LEU A 9 4.93 -0.05 -16.52
CA LEU A 9 5.78 -1.00 -17.22
C LEU A 9 4.92 -1.90 -18.11
N ALA A 10 5.13 -1.83 -19.41
CA ALA A 10 4.36 -2.58 -20.38
C ALA A 10 5.03 -3.93 -20.64
N GLY A 11 4.19 -4.96 -20.78
CA GLY A 11 4.63 -6.31 -21.06
C GLY A 11 3.43 -7.12 -21.52
N LYS A 12 3.66 -8.39 -21.87
CA LYS A 12 2.58 -9.25 -22.36
C LYS A 12 2.09 -10.23 -21.29
N VAL A 13 0.76 -10.36 -21.18
CA VAL A 13 0.17 -11.24 -20.17
C VAL A 13 0.45 -12.70 -20.52
N VAL A 14 1.09 -13.42 -19.59
CA VAL A 14 1.42 -14.82 -19.82
C VAL A 14 0.52 -15.78 -19.04
N SER A 15 0.03 -15.39 -17.87
CA SER A 15 -0.76 -16.30 -17.06
C SER A 15 -1.83 -15.54 -16.27
N ILE A 16 -2.92 -16.24 -15.97
CA ILE A 16 -3.96 -15.72 -15.09
C ILE A 16 -4.32 -16.83 -14.13
N LYS A 17 -4.06 -16.63 -12.85
CA LYS A 17 -4.45 -17.62 -11.84
C LYS A 17 -5.80 -17.16 -11.32
N GLU A 18 -6.83 -17.94 -11.60
CA GLU A 18 -8.19 -17.53 -11.33
C GLU A 18 -8.56 -17.97 -9.91
N GLY A 19 -9.19 -17.07 -9.16
CA GLY A 19 -9.60 -17.36 -7.81
C GLY A 19 -11.04 -16.97 -7.59
N ALA A 20 -11.50 -17.22 -6.36
CA ALA A 20 -12.89 -16.95 -5.99
C ALA A 20 -13.18 -15.45 -5.95
N VAL A 21 -12.23 -14.67 -5.41
CA VAL A 21 -12.37 -13.22 -5.29
C VAL A 21 -11.26 -12.48 -6.06
N ASN A 22 -10.00 -12.84 -5.81
CA ASN A 22 -8.87 -12.22 -6.48
C ASN A 22 -8.24 -13.15 -7.50
N GLY A 23 -7.40 -12.57 -8.35
CA GLY A 23 -6.59 -13.34 -9.27
C GLY A 23 -5.16 -12.83 -9.28
N ILE A 24 -4.31 -13.51 -10.06
CA ILE A 24 -2.90 -13.12 -10.23
C ILE A 24 -2.63 -13.05 -11.73
N VAL A 25 -2.28 -11.83 -12.22
CA VAL A 25 -1.86 -11.68 -13.60
C VAL A 25 -0.34 -11.59 -13.61
N VAL A 26 0.29 -12.09 -14.67
CA VAL A 26 1.74 -12.00 -14.84
C VAL A 26 2.02 -11.48 -16.24
N LEU A 27 2.77 -10.39 -16.34
CA LEU A 27 3.20 -9.79 -17.60
C LEU A 27 4.69 -10.00 -17.77
N ASP A 28 5.12 -10.28 -19.01
CA ASP A 28 6.53 -10.32 -19.41
C ASP A 28 6.97 -8.94 -19.92
N ILE A 29 7.74 -8.22 -19.10
CA ILE A 29 8.17 -6.88 -19.47
C ILE A 29 9.55 -6.87 -20.14
N GLY A 30 10.20 -8.02 -20.32
CA GLY A 30 11.42 -7.92 -21.10
C GLY A 30 12.65 -7.79 -20.25
N GLY A 31 13.74 -8.38 -20.74
CA GLY A 31 14.99 -8.40 -20.02
C GLY A 31 15.07 -9.49 -18.98
N GLY A 32 14.28 -10.56 -19.16
CA GLY A 32 14.11 -11.59 -18.15
C GLY A 32 13.26 -11.18 -16.95
N ASN A 33 12.40 -10.18 -17.10
CA ASN A 33 11.61 -9.67 -15.99
C ASN A 33 10.14 -9.98 -16.14
N GLN A 34 9.49 -10.27 -15.00
CA GLN A 34 8.06 -10.49 -14.94
C GLN A 34 7.51 -9.85 -13.67
N ILE A 35 6.31 -9.31 -13.76
CA ILE A 35 5.64 -8.68 -12.62
C ILE A 35 4.33 -9.43 -12.40
N SER A 36 3.98 -9.63 -11.14
CA SER A 36 2.71 -10.25 -10.79
C SER A 36 1.87 -9.24 -10.02
N SER A 37 0.57 -9.24 -10.31
CA SER A 37 -0.38 -8.30 -9.72
C SER A 37 -1.59 -9.07 -9.26
N THR A 38 -1.81 -9.10 -7.96
CA THR A 38 -3.05 -9.64 -7.41
C THR A 38 -4.12 -8.58 -7.53
N ILE A 39 -5.18 -8.85 -8.26
CA ILE A 39 -6.30 -7.91 -8.35
C ILE A 39 -7.58 -8.73 -8.27
N SER A 40 -8.67 -8.01 -8.06
CA SER A 40 -9.97 -8.68 -7.96
C SER A 40 -10.34 -9.30 -9.30
N MET A 41 -11.00 -10.46 -9.25
CA MET A 41 -11.30 -11.16 -10.48
C MET A 41 -12.26 -10.36 -11.34
N ASP A 42 -13.24 -9.72 -10.70
CA ASP A 42 -14.17 -8.87 -11.44
C ASP A 42 -13.41 -7.86 -12.30
N SER A 43 -12.31 -7.33 -11.77
CA SER A 43 -11.51 -6.39 -12.57
C SER A 43 -10.75 -7.12 -13.67
N ILE A 44 -10.25 -8.34 -13.39
CA ILE A 44 -9.54 -9.10 -14.44
C ILE A 44 -10.44 -9.23 -15.66
N ARG A 45 -11.74 -9.42 -15.41
CA ARG A 45 -12.70 -9.49 -16.49
C ARG A 45 -12.95 -8.10 -17.07
N GLU A 46 -13.12 -7.09 -16.20
CA GLU A 46 -13.37 -5.72 -16.65
C GLU A 46 -12.24 -5.18 -17.54
N LEU A 47 -11.01 -5.54 -17.24
CA LEU A 47 -9.91 -5.08 -18.08
C LEU A 47 -9.77 -5.94 -19.34
N GLY A 48 -10.46 -7.06 -19.40
CA GLY A 48 -10.43 -7.92 -20.57
C GLY A 48 -9.15 -8.71 -20.75
N LEU A 49 -8.49 -9.04 -19.66
CA LEU A 49 -7.18 -9.66 -19.77
C LEU A 49 -7.30 -11.13 -20.17
N GLN A 50 -6.77 -11.44 -21.34
CA GLN A 50 -6.60 -12.81 -21.80
C GLN A 50 -5.11 -13.10 -21.85
N VAL A 51 -4.76 -14.37 -22.01
CA VAL A 51 -3.35 -14.69 -22.17
C VAL A 51 -2.85 -14.07 -23.47
N GLY A 52 -1.65 -13.52 -23.45
CA GLY A 52 -1.16 -12.87 -24.64
C GLY A 52 -1.64 -11.46 -24.83
N SER A 53 -2.39 -10.91 -23.88
CA SER A 53 -2.81 -9.53 -24.05
C SER A 53 -1.69 -8.58 -23.68
N ASP A 54 -1.70 -7.43 -24.33
CA ASP A 54 -0.69 -6.40 -24.16
C ASP A 54 -1.18 -5.46 -23.08
N ALA A 55 -0.36 -5.22 -22.05
CA ALA A 55 -0.80 -4.35 -20.98
C ALA A 55 0.38 -3.67 -20.30
N TYR A 56 0.05 -2.86 -19.31
CA TYR A 56 1.01 -2.20 -18.44
C TYR A 56 0.70 -2.59 -17.00
N ALA A 57 1.76 -2.85 -16.23
CA ALA A 57 1.67 -2.92 -14.79
C ALA A 57 1.82 -1.51 -14.21
N VAL A 58 0.97 -1.16 -13.25
CA VAL A 58 0.94 0.18 -12.66
C VAL A 58 1.26 0.06 -11.18
N ILE A 59 2.42 0.59 -10.78
CA ILE A 59 2.95 0.51 -9.41
C ILE A 59 3.30 1.91 -8.93
N LYS A 60 2.82 2.27 -7.73
CA LYS A 60 3.12 3.56 -7.15
C LYS A 60 4.54 3.60 -6.61
N ALA A 61 5.25 4.73 -6.84
CA ALA A 61 6.66 4.81 -6.45
C ALA A 61 6.85 4.59 -4.95
N THR A 62 5.90 5.06 -4.14
CA THR A 62 5.97 4.85 -2.70
C THR A 62 5.66 3.41 -2.31
N SER A 63 5.26 2.56 -3.27
CA SER A 63 4.99 1.13 -3.07
C SER A 63 6.15 0.24 -3.48
N VAL A 64 7.19 0.80 -4.08
CA VAL A 64 8.39 0.06 -4.48
C VAL A 64 9.44 0.24 -3.40
N MET A 65 10.00 -0.87 -2.95
CA MET A 65 11.12 -0.90 -2.03
C MET A 65 12.38 -1.16 -2.81
N ILE A 66 13.52 -1.08 -2.13
CA ILE A 66 14.81 -1.42 -2.73
C ILE A 66 15.53 -2.35 -1.79
N GLY A 67 16.08 -3.44 -2.33
CA GLY A 67 16.90 -4.34 -1.55
C GLY A 67 18.17 -4.68 -2.32
N ILE A 68 19.18 -5.16 -1.60
CA ILE A 68 20.46 -5.50 -2.20
C ILE A 68 20.85 -6.91 -1.81
N ASP A 69 21.90 -7.43 -2.46
CA ASP A 69 22.47 -8.72 -2.06
C ASP A 69 22.98 -8.69 -0.62
N LEU B 3 17.05 -5.18 2.53
CA LEU B 3 15.82 -4.56 2.06
C LEU B 3 15.62 -3.25 2.81
N SER B 4 15.01 -2.28 2.13
CA SER B 4 14.89 -0.92 2.64
C SER B 4 13.90 -0.77 3.82
N ALA B 5 13.11 -1.80 4.16
CA ALA B 5 12.14 -1.65 5.25
C ALA B 5 12.87 -1.71 6.59
N ARG B 6 12.76 -0.65 7.39
CA ARG B 6 13.32 -0.71 8.73
C ARG B 6 12.57 -1.72 9.61
N ASN B 7 11.27 -1.92 9.36
CA ASN B 7 10.44 -2.81 10.17
C ASN B 7 10.62 -4.24 9.69
N GLN B 8 11.56 -4.94 10.27
CA GLN B 8 11.70 -6.37 10.03
C GLN B 8 11.59 -7.10 11.37
N LEU B 9 10.35 -7.41 11.74
CA LEU B 9 10.06 -7.88 13.07
C LEU B 9 10.01 -9.40 13.10
N ALA B 10 10.89 -9.99 13.89
CA ALA B 10 10.96 -11.44 13.95
C ALA B 10 9.92 -11.94 14.96
N GLY B 11 9.28 -13.05 14.60
CA GLY B 11 8.29 -13.76 15.41
C GLY B 11 8.09 -15.16 14.85
N LYS B 12 7.31 -15.96 15.57
CA LYS B 12 7.07 -17.34 15.14
C LYS B 12 5.68 -17.52 14.59
N VAL B 13 5.61 -18.26 13.48
CA VAL B 13 4.32 -18.44 12.82
C VAL B 13 3.40 -19.22 13.74
N VAL B 14 2.22 -18.66 14.02
CA VAL B 14 1.27 -19.30 14.90
C VAL B 14 0.11 -19.92 14.12
N SER B 15 -0.32 -19.31 13.02
CA SER B 15 -1.41 -19.89 12.27
C SER B 15 -1.26 -19.46 10.82
N ILE B 16 -1.79 -20.26 9.91
CA ILE B 16 -1.80 -19.96 8.49
C ILE B 16 -3.20 -20.29 7.98
N LYS B 17 -3.93 -19.28 7.53
CA LYS B 17 -5.22 -19.52 6.91
C LYS B 17 -5.04 -19.57 5.40
N GLU B 18 -5.30 -20.72 4.81
CA GLU B 18 -5.05 -20.99 3.40
C GLU B 18 -6.27 -20.66 2.55
N GLY B 19 -6.02 -20.09 1.36
CA GLY B 19 -7.09 -19.79 0.44
C GLY B 19 -6.73 -20.16 -0.99
N ALA B 20 -7.68 -19.92 -1.90
CA ALA B 20 -7.49 -20.33 -3.29
C ALA B 20 -6.31 -19.60 -3.92
N VAL B 21 -6.22 -18.28 -3.72
CA VAL B 21 -5.14 -17.46 -4.28
C VAL B 21 -4.31 -16.79 -3.18
N ASN B 22 -4.97 -16.29 -2.13
CA ASN B 22 -4.33 -15.60 -1.01
C ASN B 22 -4.31 -16.48 0.24
N GLY B 23 -3.41 -16.15 1.16
CA GLY B 23 -3.42 -16.73 2.48
C GLY B 23 -3.16 -15.63 3.51
N ILE B 24 -3.27 -16.00 4.78
CA ILE B 24 -2.97 -15.09 5.87
C ILE B 24 -2.10 -15.83 6.88
N VAL B 25 -0.91 -15.37 7.08
CA VAL B 25 0.00 -15.89 8.08
C VAL B 25 -0.20 -15.03 9.32
N VAL B 26 0.03 -15.59 10.51
CA VAL B 26 -0.06 -14.81 11.75
C VAL B 26 1.22 -15.05 12.55
N LEU B 27 1.94 -13.98 12.85
CA LEU B 27 3.20 -14.04 13.56
C LEU B 27 2.99 -13.49 14.97
N ASP B 28 3.52 -14.19 15.95
CA ASP B 28 3.62 -13.67 17.31
C ASP B 28 5.03 -13.13 17.40
N ILE B 29 5.18 -11.80 17.32
CA ILE B 29 6.51 -11.22 17.24
C ILE B 29 7.12 -10.94 18.61
N GLY B 30 6.42 -11.29 19.70
CA GLY B 30 6.94 -11.16 21.05
C GLY B 30 6.47 -9.92 21.79
N GLY B 31 6.22 -10.05 23.10
CA GLY B 31 5.69 -8.97 23.90
C GLY B 31 4.19 -8.80 23.88
N GLY B 32 3.44 -9.87 23.64
CA GLY B 32 2.02 -9.70 23.49
C GLY B 32 1.64 -9.04 22.19
N ASN B 33 2.52 -9.07 21.21
CA ASN B 33 2.26 -8.48 19.90
C ASN B 33 2.09 -9.61 18.88
N GLN B 34 1.13 -9.44 17.96
CA GLN B 34 0.90 -10.36 16.85
C GLN B 34 0.57 -9.60 15.58
N ILE B 35 1.20 -10.04 14.48
CA ILE B 35 1.07 -9.41 13.17
C ILE B 35 0.56 -10.43 12.16
N SER B 36 -0.33 -9.98 11.27
CA SER B 36 -0.89 -10.83 10.22
C SER B 36 -0.51 -10.30 8.85
N SER B 37 -0.21 -11.22 7.94
CA SER B 37 0.28 -10.88 6.62
C SER B 37 -0.56 -11.60 5.58
N THR B 38 -1.34 -10.84 4.81
CA THR B 38 -2.07 -11.42 3.70
C THR B 38 -1.12 -11.55 2.53
N ILE B 39 -0.79 -12.78 2.12
CA ILE B 39 0.09 -13.01 1.00
C ILE B 39 -0.39 -14.20 0.18
N SER B 40 0.16 -14.31 -1.03
CA SER B 40 -0.23 -15.32 -1.99
C SER B 40 0.17 -16.71 -1.54
N MET B 41 -0.61 -17.70 -1.97
CA MET B 41 -0.28 -19.09 -1.66
C MET B 41 1.01 -19.50 -2.36
N ASP B 42 1.25 -19.00 -3.56
CA ASP B 42 2.52 -19.22 -4.25
C ASP B 42 3.66 -18.84 -3.34
N SER B 43 3.51 -17.71 -2.62
CA SER B 43 4.52 -17.15 -1.72
C SER B 43 4.61 -17.89 -0.40
N ILE B 44 3.46 -18.30 0.16
CA ILE B 44 3.45 -19.06 1.41
C ILE B 44 4.08 -20.43 1.23
N ARG B 45 3.83 -21.06 0.08
CA ARG B 45 4.40 -22.39 -0.15
C ARG B 45 5.90 -22.31 -0.42
N GLU B 46 6.30 -21.40 -1.31
CA GLU B 46 7.70 -21.30 -1.68
C GLU B 46 8.58 -21.09 -0.45
N LEU B 47 8.13 -20.30 0.52
CA LEU B 47 8.92 -20.03 1.72
C LEU B 47 8.87 -21.20 2.70
N GLY B 48 7.99 -22.16 2.48
CA GLY B 48 7.96 -23.33 3.33
C GLY B 48 7.42 -23.04 4.69
N LEU B 49 6.53 -22.07 4.78
CA LEU B 49 6.05 -21.60 6.07
C LEU B 49 5.16 -22.66 6.65
N GLN B 50 5.63 -23.27 7.72
CA GLN B 50 4.82 -24.15 8.52
C GLN B 50 4.53 -23.45 9.83
N VAL B 51 3.57 -23.99 10.56
CA VAL B 51 3.24 -23.37 11.83
C VAL B 51 4.48 -23.45 12.72
N GLY B 52 4.76 -22.36 13.42
CA GLY B 52 5.90 -22.35 14.32
C GLY B 52 7.26 -22.14 13.68
N SER B 53 7.34 -21.92 12.38
CA SER B 53 8.66 -21.67 11.84
C SER B 53 9.06 -20.22 12.12
N ASP B 54 10.36 -19.97 12.11
CA ASP B 54 10.91 -18.66 12.42
C ASP B 54 11.00 -17.83 11.13
N ALA B 55 10.35 -16.65 11.14
CA ALA B 55 10.28 -15.75 9.98
C ALA B 55 10.17 -14.31 10.48
N TYR B 56 10.13 -13.35 9.56
CA TYR B 56 9.97 -11.94 9.89
C TYR B 56 8.74 -11.35 9.20
N ALA B 57 8.03 -10.47 9.90
CA ALA B 57 7.08 -9.56 9.26
C ALA B 57 7.84 -8.31 8.82
N VAL B 58 7.76 -7.96 7.53
CA VAL B 58 8.53 -6.87 6.93
C VAL B 58 7.55 -5.87 6.31
N ILE B 59 7.40 -4.68 6.94
CA ILE B 59 6.35 -3.71 6.60
C ILE B 59 6.93 -2.34 6.29
N LYS B 60 6.47 -1.77 5.16
CA LYS B 60 6.97 -0.48 4.68
C LYS B 60 6.52 0.66 5.58
N ALA B 61 7.43 1.61 5.84
CA ALA B 61 7.12 2.68 6.79
C ALA B 61 6.00 3.57 6.29
N THR B 62 5.97 3.85 5.00
CA THR B 62 4.93 4.74 4.49
C THR B 62 3.57 4.08 4.45
N SER B 63 3.50 2.77 4.70
CA SER B 63 2.23 2.06 4.74
C SER B 63 1.69 1.89 6.16
N VAL B 64 2.46 2.28 7.18
CA VAL B 64 2.03 2.16 8.57
C VAL B 64 1.40 3.48 8.98
N MET B 65 0.23 3.40 9.59
CA MET B 65 -0.38 4.58 10.16
C MET B 65 -0.21 4.57 11.67
N ILE B 66 -0.62 5.68 12.29
CA ILE B 66 -0.54 5.86 13.74
C ILE B 66 -1.92 6.20 14.25
N GLY B 67 -2.32 5.56 15.34
CA GLY B 67 -3.55 5.92 15.99
C GLY B 67 -3.33 5.97 17.48
N ILE B 68 -4.20 6.73 18.16
CA ILE B 68 -4.19 6.81 19.61
C ILE B 68 -5.62 6.64 20.06
N ASP B 69 -5.78 6.49 21.38
CA ASP B 69 -7.08 6.51 22.01
C ASP B 69 -7.21 7.74 22.89
N ASP B 70 -8.41 8.32 22.90
CA ASP B 70 -8.65 9.63 23.52
C ASP B 70 -8.37 9.65 25.02
N MET C 1 -6.94 5.33 -18.58
CA MET C 1 -6.56 4.32 -19.57
C MET C 1 -7.16 3.00 -19.16
N LYS C 2 -8.12 3.07 -18.24
CA LYS C 2 -8.88 1.89 -17.82
C LYS C 2 -8.00 0.99 -16.95
N LEU C 3 -8.16 1.06 -15.61
CA LEU C 3 -7.36 0.27 -14.68
C LEU C 3 -8.19 -0.43 -13.62
N SER C 4 -7.48 -1.30 -12.90
CA SER C 4 -8.07 -2.17 -11.90
C SER C 4 -8.66 -1.40 -10.75
N ALA C 5 -8.45 -0.09 -10.67
CA ALA C 5 -9.01 0.68 -9.57
C ALA C 5 -10.47 0.96 -9.90
N ARG C 6 -11.39 0.26 -9.21
CA ARG C 6 -12.79 0.63 -9.30
C ARG C 6 -13.00 1.96 -8.61
N ASN C 7 -12.12 2.25 -7.64
CA ASN C 7 -12.14 3.48 -6.85
C ASN C 7 -11.46 4.56 -7.67
N GLN C 8 -12.25 5.28 -8.44
CA GLN C 8 -11.78 6.44 -9.17
C GLN C 8 -12.62 7.59 -8.67
N LEU C 9 -12.08 8.31 -7.70
CA LEU C 9 -12.86 9.33 -7.02
C LEU C 9 -12.54 10.65 -7.72
N ALA C 10 -13.55 11.17 -8.43
CA ALA C 10 -13.40 12.37 -9.24
C ALA C 10 -13.67 13.60 -8.39
N GLY C 11 -12.79 14.61 -8.51
CA GLY C 11 -12.97 15.82 -7.74
C GLY C 11 -12.10 16.96 -8.25
N LYS C 12 -12.28 18.12 -7.63
CA LYS C 12 -11.57 19.32 -8.02
C LYS C 12 -10.49 19.60 -6.99
N VAL C 13 -9.27 19.88 -7.48
CA VAL C 13 -8.13 20.09 -6.59
C VAL C 13 -8.34 21.36 -5.79
N VAL C 14 -8.19 21.29 -4.48
CA VAL C 14 -8.40 22.43 -3.60
C VAL C 14 -7.09 22.97 -3.05
N SER C 15 -6.11 22.11 -2.78
CA SER C 15 -4.86 22.60 -2.22
C SER C 15 -3.72 21.72 -2.67
N ILE C 16 -2.51 22.28 -2.62
CA ILE C 16 -1.28 21.55 -2.90
C ILE C 16 -0.23 21.99 -1.89
N LYS C 17 0.20 21.08 -1.01
CA LYS C 17 1.28 21.38 -0.07
C LYS C 17 2.56 20.83 -0.69
N GLU C 18 3.48 21.72 -1.03
CA GLU C 18 4.66 21.38 -1.80
C GLU C 18 5.84 21.03 -0.89
N GLY C 19 6.55 19.95 -1.24
CA GLY C 19 7.73 19.53 -0.49
C GLY C 19 8.86 19.15 -1.44
N ALA C 20 9.98 18.78 -0.84
CA ALA C 20 11.17 18.55 -1.66
C ALA C 20 10.99 17.39 -2.64
N VAL C 21 10.38 16.28 -2.21
CA VAL C 21 10.26 15.07 -3.01
C VAL C 21 8.80 14.74 -3.34
N ASN C 22 7.96 14.62 -2.30
CA ASN C 22 6.52 14.40 -2.45
C ASN C 22 5.76 15.63 -1.99
N GLY C 23 4.50 15.71 -2.38
CA GLY C 23 3.60 16.74 -1.91
C GLY C 23 2.24 16.15 -1.56
N ILE C 24 1.35 17.02 -1.12
CA ILE C 24 0.01 16.57 -0.73
C ILE C 24 -1.02 17.40 -1.51
N VAL C 25 -1.81 16.70 -2.41
CA VAL C 25 -2.92 17.21 -3.21
C VAL C 25 -4.23 16.96 -2.48
N VAL C 26 -5.22 17.80 -2.74
CA VAL C 26 -6.54 17.66 -2.14
C VAL C 26 -7.61 17.82 -3.20
N LEU C 27 -8.46 16.83 -3.32
CA LEU C 27 -9.64 16.91 -4.17
C LEU C 27 -10.83 17.13 -3.26
N ASP C 28 -11.71 18.03 -3.67
CA ASP C 28 -13.02 18.14 -3.04
C ASP C 28 -13.87 17.16 -3.85
N ILE C 29 -14.07 15.95 -3.30
CA ILE C 29 -14.63 14.85 -4.09
C ILE C 29 -16.16 14.85 -4.12
N GLY C 30 -16.82 15.81 -3.48
CA GLY C 30 -18.26 15.87 -3.61
C GLY C 30 -19.01 15.23 -2.48
N GLY C 31 -20.14 15.81 -2.11
CA GLY C 31 -20.88 15.31 -0.98
C GLY C 31 -20.30 15.77 0.32
N GLY C 32 -19.58 16.90 0.30
CA GLY C 32 -18.90 17.33 1.50
C GLY C 32 -17.74 16.43 1.88
N ASN C 33 -17.21 15.65 0.93
CA ASN C 33 -16.12 14.74 1.20
C ASN C 33 -14.84 15.28 0.57
N GLN C 34 -13.72 15.07 1.27
CA GLN C 34 -12.41 15.57 0.84
C GLN C 34 -11.38 14.46 1.02
N ILE C 35 -10.46 14.35 0.06
CA ILE C 35 -9.45 13.30 0.01
C ILE C 35 -8.06 13.92 0.02
N SER C 36 -7.10 13.27 0.67
CA SER C 36 -5.72 13.70 0.65
C SER C 36 -4.89 12.63 -0.02
N SER C 37 -3.98 13.05 -0.91
CA SER C 37 -3.17 12.14 -1.71
C SER C 37 -1.72 12.60 -1.69
N THR C 38 -0.87 11.93 -0.92
CA THR C 38 0.55 12.23 -0.92
C THR C 38 1.20 11.56 -2.14
N ILE C 39 1.73 12.37 -3.07
CA ILE C 39 2.40 11.86 -4.26
C ILE C 39 3.62 12.71 -4.58
N SER C 40 4.39 12.25 -5.57
CA SER C 40 5.61 12.93 -5.97
C SER C 40 5.33 14.30 -6.56
N MET C 41 6.27 15.22 -6.32
CA MET C 41 6.16 16.56 -6.88
C MET C 41 6.30 16.50 -8.39
N ASP C 42 7.19 15.63 -8.89
CA ASP C 42 7.32 15.46 -10.32
C ASP C 42 5.98 15.09 -10.95
N SER C 43 5.21 14.23 -10.29
CA SER C 43 3.96 13.84 -10.92
C SER C 43 2.97 14.98 -10.90
N ILE C 44 2.97 15.75 -9.81
CA ILE C 44 2.04 16.88 -9.68
C ILE C 44 2.25 17.89 -10.80
N ARG C 45 3.50 18.08 -11.24
CA ARG C 45 3.79 18.99 -12.35
C ARG C 45 3.36 18.42 -13.68
N GLU C 46 3.80 17.19 -14.00
CA GLU C 46 3.56 16.61 -15.30
C GLU C 46 2.07 16.55 -15.63
N LEU C 47 1.23 16.31 -14.63
CA LEU C 47 -0.21 16.30 -14.87
C LEU C 47 -0.79 17.71 -14.95
N GLY C 48 -0.05 18.72 -14.53
CA GLY C 48 -0.59 20.06 -14.55
C GLY C 48 -1.55 20.37 -13.43
N LEU C 49 -1.31 19.81 -12.24
CA LEU C 49 -2.22 19.94 -11.09
C LEU C 49 -2.04 21.33 -10.45
N GLN C 50 -3.05 22.19 -10.59
CA GLN C 50 -3.17 23.44 -9.84
C GLN C 50 -4.50 23.47 -9.11
N VAL C 51 -4.67 24.46 -8.24
CA VAL C 51 -5.93 24.58 -7.52
C VAL C 51 -7.06 24.78 -8.53
N GLY C 52 -8.18 24.09 -8.31
CA GLY C 52 -9.34 24.17 -9.19
C GLY C 52 -9.30 23.31 -10.42
N SER C 53 -8.23 22.51 -10.60
CA SER C 53 -8.07 21.60 -11.73
C SER C 53 -8.86 20.32 -11.50
N ASP C 54 -9.27 19.68 -12.58
CA ASP C 54 -10.03 18.44 -12.48
C ASP C 54 -9.11 17.24 -12.51
N ALA C 55 -9.25 16.37 -11.51
CA ALA C 55 -8.45 15.16 -11.42
C ALA C 55 -9.28 14.07 -10.75
N TYR C 56 -8.70 12.87 -10.65
CA TYR C 56 -9.34 11.75 -9.98
C TYR C 56 -8.43 11.19 -8.91
N ALA C 57 -9.04 10.83 -7.77
CA ALA C 57 -8.37 10.02 -6.76
C ALA C 57 -8.43 8.57 -7.19
N VAL C 58 -7.27 7.93 -7.24
CA VAL C 58 -7.16 6.56 -7.75
C VAL C 58 -6.65 5.76 -6.55
N ILE C 59 -7.51 4.92 -6.01
CA ILE C 59 -7.20 4.21 -4.76
C ILE C 59 -7.36 2.71 -5.03
N LYS C 60 -6.31 1.93 -4.77
CA LYS C 60 -6.39 0.50 -5.02
C LYS C 60 -7.30 -0.14 -3.98
N ALA C 61 -8.17 -1.04 -4.44
CA ALA C 61 -9.20 -1.56 -3.53
C ALA C 61 -8.59 -2.25 -2.33
N THR C 62 -7.44 -2.90 -2.51
CA THR C 62 -6.74 -3.55 -1.40
C THR C 62 -6.12 -2.55 -0.43
N SER C 63 -6.17 -1.25 -0.72
CA SER C 63 -5.61 -0.25 0.18
C SER C 63 -6.66 0.38 1.06
N VAL C 64 -7.91 0.01 0.89
CA VAL C 64 -9.03 0.57 1.64
C VAL C 64 -9.27 -0.30 2.85
N MET C 65 -9.42 0.33 4.00
CA MET C 65 -9.86 -0.32 5.22
C MET C 65 -11.30 0.07 5.50
N ILE C 66 -11.87 -0.58 6.50
CA ILE C 66 -13.23 -0.30 6.95
C ILE C 66 -13.15 -0.02 8.43
N GLY C 67 -13.87 0.98 8.88
CA GLY C 67 -13.98 1.22 10.29
C GLY C 67 -15.44 1.49 10.59
N ILE C 68 -15.79 1.27 11.85
CA ILE C 68 -17.13 1.59 12.32
C ILE C 68 -16.99 2.38 13.61
N ASP C 69 -18.11 3.00 14.01
CA ASP C 69 -18.21 3.71 15.27
C ASP C 69 -18.03 2.80 16.48
N ASP C 70 -18.03 3.39 17.68
CA ASP C 70 -17.67 2.72 18.92
C ASP C 70 -18.79 2.69 19.99
N MET D 1 -9.56 4.25 18.41
CA MET D 1 -9.93 4.72 17.07
C MET D 1 -9.95 6.24 16.99
N LYS D 2 -8.77 6.85 17.09
CA LYS D 2 -8.47 8.14 16.45
C LYS D 2 -7.24 7.90 15.59
N LEU D 3 -7.43 7.95 14.28
CA LEU D 3 -6.45 7.48 13.31
C LEU D 3 -5.83 8.62 12.53
N SER D 4 -4.58 8.40 12.12
CA SER D 4 -3.91 9.46 11.36
C SER D 4 -4.55 9.68 9.98
N ALA D 5 -5.49 8.81 9.56
CA ALA D 5 -6.05 8.89 8.21
C ALA D 5 -7.00 10.06 8.11
N ARG D 6 -6.68 11.02 7.26
CA ARG D 6 -7.63 12.08 6.96
C ARG D 6 -8.80 11.53 6.16
N ASN D 7 -8.54 10.54 5.31
CA ASN D 7 -9.60 10.03 4.46
C ASN D 7 -10.41 9.02 5.25
N GLN D 8 -11.39 9.52 5.99
CA GLN D 8 -12.37 8.71 6.71
C GLN D 8 -13.77 9.09 6.21
N LEU D 9 -14.21 8.41 5.15
CA LEU D 9 -15.37 8.78 4.37
C LEU D 9 -16.56 7.90 4.73
N ALA D 10 -17.66 8.52 5.18
CA ALA D 10 -18.84 7.81 5.68
C ALA D 10 -19.86 7.44 4.60
N GLY D 11 -20.42 6.24 4.72
CA GLY D 11 -21.46 5.77 3.82
C GLY D 11 -22.09 4.49 4.31
N LYS D 12 -23.08 4.00 3.55
CA LYS D 12 -23.76 2.74 3.86
C LYS D 12 -23.31 1.62 2.95
N VAL D 13 -23.13 0.44 3.54
CA VAL D 13 -22.72 -0.74 2.79
C VAL D 13 -23.84 -1.14 1.84
N VAL D 14 -23.49 -1.35 0.57
CA VAL D 14 -24.45 -1.76 -0.44
C VAL D 14 -24.26 -3.22 -0.81
N SER D 15 -23.04 -3.74 -0.80
CA SER D 15 -22.79 -5.13 -1.15
C SER D 15 -21.60 -5.65 -0.37
N ILE D 16 -21.58 -6.96 -0.14
CA ILE D 16 -20.42 -7.67 0.42
C ILE D 16 -20.23 -8.94 -0.40
N LYS D 17 -19.07 -9.06 -1.05
CA LYS D 17 -18.73 -10.24 -1.84
C LYS D 17 -17.99 -11.21 -0.94
N GLU D 18 -18.60 -12.36 -0.69
CA GLU D 18 -18.11 -13.28 0.31
C GLU D 18 -17.18 -14.31 -0.31
N GLY D 19 -16.04 -14.54 0.34
CA GLY D 19 -15.04 -15.47 -0.14
C GLY D 19 -14.42 -16.28 0.99
N ALA D 20 -13.48 -17.14 0.61
CA ALA D 20 -12.91 -18.05 1.59
C ALA D 20 -12.13 -17.31 2.68
N VAL D 21 -11.22 -16.39 2.28
CA VAL D 21 -10.37 -15.66 3.23
C VAL D 21 -10.62 -14.16 3.14
N ASN D 22 -10.57 -13.60 1.94
CA ASN D 22 -10.86 -12.19 1.73
C ASN D 22 -12.20 -12.04 1.04
N GLY D 23 -12.82 -10.89 1.25
CA GLY D 23 -14.08 -10.54 0.62
C GLY D 23 -14.00 -9.11 0.12
N ILE D 24 -15.12 -8.61 -0.40
CA ILE D 24 -15.18 -7.23 -0.88
C ILE D 24 -16.45 -6.54 -0.37
N VAL D 25 -16.27 -5.42 0.35
CA VAL D 25 -17.35 -4.55 0.83
C VAL D 25 -17.57 -3.43 -0.19
N VAL D 26 -18.81 -2.95 -0.29
CA VAL D 26 -19.15 -1.85 -1.19
C VAL D 26 -19.94 -0.81 -0.39
N LEU D 27 -19.38 0.38 -0.28
CA LEU D 27 -19.97 1.49 0.47
C LEU D 27 -20.47 2.56 -0.48
N ASP D 28 -21.64 3.12 -0.19
CA ASP D 28 -22.09 4.34 -0.88
C ASP D 28 -21.58 5.51 -0.07
N ILE D 29 -20.52 6.18 -0.57
CA ILE D 29 -19.90 7.25 0.20
C ILE D 29 -20.56 8.61 -0.03
N GLY D 30 -21.63 8.66 -0.83
CA GLY D 30 -22.42 9.87 -1.00
C GLY D 30 -22.00 10.66 -2.21
N GLY D 31 -22.94 11.23 -2.94
CA GLY D 31 -22.63 11.95 -4.15
C GLY D 31 -22.48 11.10 -5.40
N GLY D 32 -23.07 9.90 -5.41
CA GLY D 32 -22.95 8.98 -6.52
C GLY D 32 -21.60 8.33 -6.70
N ASN D 33 -20.77 8.36 -5.67
CA ASN D 33 -19.46 7.72 -5.70
C ASN D 33 -19.51 6.49 -4.81
N GLN D 34 -18.79 5.45 -5.21
CA GLN D 34 -18.76 4.23 -4.44
C GLN D 34 -17.32 3.74 -4.30
N ILE D 35 -17.02 3.19 -3.12
CA ILE D 35 -15.70 2.68 -2.78
C ILE D 35 -15.80 1.20 -2.49
N SER D 36 -14.78 0.45 -2.92
CA SER D 36 -14.66 -0.99 -2.74
C SER D 36 -13.43 -1.29 -1.90
N SER D 37 -13.56 -2.24 -0.99
CA SER D 37 -12.50 -2.57 -0.03
C SER D 37 -12.25 -4.06 0.04
N THR D 38 -11.06 -4.47 -0.42
CA THR D 38 -10.62 -5.85 -0.20
C THR D 38 -10.06 -5.96 1.21
N ILE D 39 -10.73 -6.74 2.06
CA ILE D 39 -10.33 -6.96 3.44
C ILE D 39 -10.55 -8.41 3.84
N SER D 40 -9.90 -8.79 4.94
CA SER D 40 -10.04 -10.15 5.44
C SER D 40 -11.46 -10.36 5.91
N MET D 41 -11.94 -11.60 5.74
CA MET D 41 -13.28 -11.93 6.18
C MET D 41 -13.36 -11.98 7.70
N ASP D 42 -12.25 -12.34 8.38
CA ASP D 42 -12.26 -12.28 9.84
C ASP D 42 -12.75 -10.92 10.33
N SER D 43 -12.28 -9.85 9.68
CA SER D 43 -12.70 -8.50 10.04
C SER D 43 -14.09 -8.16 9.55
N ILE D 44 -14.45 -8.61 8.34
CA ILE D 44 -15.79 -8.34 7.81
C ILE D 44 -16.86 -8.92 8.73
N ARG D 45 -16.59 -10.08 9.35
CA ARG D 45 -17.44 -10.67 10.38
C ARG D 45 -17.30 -9.95 11.72
N GLU D 46 -16.04 -9.77 12.18
CA GLU D 46 -15.77 -9.20 13.50
C GLU D 46 -16.46 -7.86 13.69
N LEU D 47 -16.45 -7.01 12.66
CA LEU D 47 -17.07 -5.70 12.74
C LEU D 47 -18.58 -5.74 12.55
N GLY D 48 -19.13 -6.89 12.18
CA GLY D 48 -20.56 -6.99 12.00
C GLY D 48 -21.10 -6.35 10.76
N LEU D 49 -20.33 -6.35 9.68
CA LEU D 49 -20.75 -5.71 8.43
C LEU D 49 -21.78 -6.56 7.72
N GLN D 50 -23.02 -6.07 7.63
CA GLN D 50 -24.05 -6.58 6.72
C GLN D 50 -24.47 -5.47 5.77
N VAL D 51 -25.26 -5.84 4.75
CA VAL D 51 -25.71 -4.87 3.77
C VAL D 51 -26.59 -3.81 4.44
N GLY D 52 -26.38 -2.54 4.05
CA GLY D 52 -27.06 -1.41 4.66
C GLY D 52 -26.41 -0.88 5.93
N SER D 53 -25.24 -1.41 6.31
CA SER D 53 -24.53 -0.99 7.51
C SER D 53 -23.74 0.28 7.28
N ASP D 54 -23.48 0.97 8.39
CA ASP D 54 -22.73 2.22 8.43
C ASP D 54 -21.27 1.95 8.78
N ALA D 55 -20.35 2.37 7.92
CA ALA D 55 -18.92 2.26 8.16
C ALA D 55 -18.24 3.38 7.39
N TYR D 56 -16.92 3.50 7.55
CA TYR D 56 -16.14 4.49 6.80
C TYR D 56 -15.07 3.77 6.00
N ALA D 57 -14.80 4.26 4.80
CA ALA D 57 -13.58 3.84 4.14
C ALA D 57 -12.47 4.67 4.75
N VAL D 58 -11.43 4.01 5.23
CA VAL D 58 -10.35 4.66 5.93
C VAL D 58 -9.11 4.41 5.07
N ILE D 59 -8.61 5.43 4.37
CA ILE D 59 -7.55 5.24 3.39
C ILE D 59 -6.35 6.16 3.70
N LYS D 60 -5.16 5.58 3.83
CA LYS D 60 -3.97 6.40 4.10
C LYS D 60 -3.58 7.16 2.83
N ALA D 61 -3.19 8.43 3.00
CA ALA D 61 -2.96 9.27 1.83
C ALA D 61 -1.89 8.68 0.91
N THR D 62 -0.83 8.09 1.47
CA THR D 62 0.20 7.66 0.53
C THR D 62 -0.23 6.52 -0.37
N SER D 63 -1.40 5.95 -0.16
CA SER D 63 -1.89 4.89 -1.01
C SER D 63 -2.84 5.40 -2.09
N VAL D 64 -3.14 6.70 -2.11
CA VAL D 64 -3.99 7.31 -3.12
C VAL D 64 -3.10 7.92 -4.19
N MET D 65 -3.40 7.62 -5.45
CA MET D 65 -2.77 8.26 -6.60
C MET D 65 -3.72 9.26 -7.21
N ILE D 66 -3.22 10.00 -8.20
CA ILE D 66 -4.01 11.03 -8.87
C ILE D 66 -3.98 10.78 -10.37
N GLY D 67 -5.13 10.97 -11.00
CA GLY D 67 -5.24 10.91 -12.43
C GLY D 67 -6.06 12.06 -12.96
N ILE D 68 -5.91 12.33 -14.26
CA ILE D 68 -6.58 13.41 -14.97
C ILE D 68 -7.19 12.89 -16.27
N ASP D 69 -7.84 13.80 -17.01
CA ASP D 69 -8.29 13.56 -18.39
C ASP D 69 -7.40 14.38 -19.31
N ASP D 70 -6.85 13.75 -20.35
CA ASP D 70 -5.95 14.49 -21.27
C ASP D 70 -6.48 14.63 -22.70
N MET E 1 16.71 -12.66 4.46
CA MET E 1 16.57 -12.11 3.11
C MET E 1 16.04 -13.12 2.08
N LYS E 2 14.96 -13.81 2.42
CA LYS E 2 14.06 -14.41 1.44
C LYS E 2 12.71 -13.86 1.82
N LEU E 3 11.88 -13.53 0.83
CA LEU E 3 10.81 -12.59 1.13
C LEU E 3 9.59 -12.96 0.30
N SER E 4 8.42 -12.55 0.79
CA SER E 4 7.15 -12.89 0.15
C SER E 4 6.91 -12.19 -1.18
N ALA E 5 7.75 -11.23 -1.55
CA ALA E 5 7.47 -10.46 -2.76
C ALA E 5 7.82 -11.29 -3.98
N ARG E 6 6.86 -11.41 -4.91
CA ARG E 6 7.21 -12.04 -6.18
C ARG E 6 8.11 -11.15 -7.02
N ASN E 7 7.87 -9.84 -7.01
CA ASN E 7 8.64 -8.92 -7.85
C ASN E 7 9.91 -8.50 -7.12
N GLN E 8 11.00 -9.17 -7.44
CA GLN E 8 12.31 -8.74 -6.99
C GLN E 8 13.14 -8.59 -8.25
N LEU E 9 13.07 -7.39 -8.83
CA LEU E 9 13.59 -7.07 -10.16
C LEU E 9 14.97 -6.43 -10.02
N ALA E 10 15.98 -7.05 -10.62
CA ALA E 10 17.35 -6.59 -10.48
C ALA E 10 17.66 -5.48 -11.49
N GLY E 11 18.43 -4.49 -11.03
CA GLY E 11 18.82 -3.40 -11.93
C GLY E 11 19.93 -2.55 -11.33
N LYS E 12 20.36 -1.56 -12.10
CA LYS E 12 21.38 -0.61 -11.66
C LYS E 12 20.72 0.75 -11.43
N VAL E 13 21.07 1.37 -10.31
CA VAL E 13 20.51 2.67 -9.99
C VAL E 13 21.09 3.72 -10.93
N VAL E 14 20.22 4.57 -11.49
CA VAL E 14 20.64 5.63 -12.37
C VAL E 14 20.50 7.02 -11.75
N SER E 15 19.55 7.23 -10.84
CA SER E 15 19.49 8.53 -10.18
C SER E 15 18.97 8.34 -8.77
N ILE E 16 19.29 9.32 -7.92
CA ILE E 16 18.78 9.41 -6.56
C ILE E 16 18.38 10.86 -6.29
N LYS E 17 17.12 11.09 -5.97
CA LYS E 17 16.73 12.41 -5.54
C LYS E 17 16.65 12.44 -4.02
N GLU E 18 17.47 13.29 -3.40
CA GLU E 18 17.52 13.41 -1.95
C GLU E 18 16.50 14.42 -1.46
N GLY E 19 15.88 14.11 -0.33
CA GLY E 19 14.92 15.00 0.26
C GLY E 19 15.13 15.14 1.76
N ALA E 20 14.28 15.96 2.36
CA ALA E 20 14.39 16.17 3.79
C ALA E 20 14.06 14.88 4.53
N VAL E 21 12.98 14.20 4.14
CA VAL E 21 12.50 13.00 4.83
C VAL E 21 12.72 11.76 3.98
N ASN E 22 12.08 11.70 2.82
CA ASN E 22 12.25 10.57 1.90
C ASN E 22 13.02 11.03 0.66
N GLY E 23 13.46 10.03 -0.09
CA GLY E 23 14.08 10.24 -1.37
C GLY E 23 13.48 9.31 -2.41
N ILE E 24 13.97 9.47 -3.64
CA ILE E 24 13.51 8.69 -4.76
C ILE E 24 14.72 8.14 -5.50
N VAL E 25 14.84 6.80 -5.53
CA VAL E 25 15.89 6.12 -6.31
C VAL E 25 15.26 5.59 -7.60
N VAL E 26 16.07 5.47 -8.66
CA VAL E 26 15.60 4.96 -9.93
C VAL E 26 16.54 3.87 -10.43
N LEU E 27 15.98 2.70 -10.77
CA LEU E 27 16.74 1.54 -11.27
C LEU E 27 16.51 1.34 -12.77
N ASP E 28 17.59 0.95 -13.46
CA ASP E 28 17.54 0.46 -14.84
C ASP E 28 17.40 -1.06 -14.77
N ILE E 29 16.17 -1.58 -14.96
CA ILE E 29 15.94 -3.01 -14.79
C ILE E 29 16.16 -3.78 -16.09
N GLY E 30 16.50 -3.09 -17.17
CA GLY E 30 16.85 -3.76 -18.41
C GLY E 30 15.70 -3.84 -19.37
N GLY E 31 15.99 -3.70 -20.66
CA GLY E 31 14.95 -3.72 -21.66
C GLY E 31 14.27 -2.39 -21.86
N GLY E 32 14.96 -1.29 -21.57
CA GLY E 32 14.30 0.00 -21.64
C GLY E 32 13.25 0.18 -20.57
N ASN E 33 13.29 -0.63 -19.52
CA ASN E 33 12.35 -0.53 -18.42
C ASN E 33 13.08 0.04 -17.21
N GLN E 34 12.41 0.93 -16.50
CA GLN E 34 13.02 1.51 -15.31
C GLN E 34 11.94 1.70 -14.27
N ILE E 35 12.31 1.43 -13.02
CA ILE E 35 11.40 1.59 -11.90
C ILE E 35 12.05 2.58 -10.93
N SER E 36 11.22 3.43 -10.32
CA SER E 36 11.65 4.40 -9.31
C SER E 36 11.02 4.01 -7.99
N SER E 37 11.74 4.19 -6.90
CA SER E 37 11.28 3.72 -5.60
C SER E 37 11.39 4.85 -4.59
N THR E 38 10.26 5.41 -4.18
CA THR E 38 10.29 6.44 -3.13
C THR E 38 10.38 5.73 -1.79
N ILE E 39 11.52 5.92 -1.11
CA ILE E 39 11.78 5.30 0.19
C ILE E 39 12.41 6.36 1.10
N SER E 40 12.58 5.98 2.36
CA SER E 40 13.16 6.88 3.34
C SER E 40 14.61 7.15 3.01
N MET E 41 15.06 8.36 3.34
CA MET E 41 16.47 8.67 3.09
C MET E 41 17.35 7.88 4.04
N ASP E 42 16.89 7.68 5.27
CA ASP E 42 17.63 6.89 6.23
C ASP E 42 17.96 5.51 5.68
N SER E 43 17.02 4.88 4.98
CA SER E 43 17.33 3.55 4.49
C SER E 43 18.28 3.57 3.30
N ILE E 44 18.28 4.65 2.51
CA ILE E 44 19.14 4.71 1.34
C ILE E 44 20.62 4.67 1.73
N ARG E 45 20.97 5.30 2.85
CA ARG E 45 22.37 5.30 3.29
C ARG E 45 22.75 3.95 3.85
N GLU E 46 21.91 3.40 4.74
CA GLU E 46 22.22 2.14 5.40
C GLU E 46 22.60 1.04 4.42
N LEU E 47 21.92 0.98 3.27
CA LEU E 47 22.27 0.00 2.24
C LEU E 47 23.46 0.45 1.42
N GLY E 48 23.86 1.71 1.52
CA GLY E 48 24.98 2.21 0.74
C GLY E 48 24.68 2.45 -0.71
N LEU E 49 23.46 2.91 -1.02
CA LEU E 49 23.05 3.08 -2.41
C LEU E 49 23.66 4.37 -2.99
N GLN E 50 24.64 4.23 -3.89
CA GLN E 50 25.11 5.30 -4.75
C GLN E 50 24.94 4.92 -6.22
N VAL E 51 25.15 5.90 -7.11
CA VAL E 51 24.85 5.72 -8.54
C VAL E 51 25.57 4.53 -9.15
N GLY E 52 24.85 3.79 -10.00
CA GLY E 52 25.37 2.64 -10.71
C GLY E 52 25.43 1.35 -9.92
N SER E 53 24.97 1.35 -8.67
CA SER E 53 25.05 0.18 -7.80
C SER E 53 23.98 -0.84 -8.12
N ASP E 54 24.27 -2.10 -7.77
CA ASP E 54 23.35 -3.21 -8.06
C ASP E 54 22.35 -3.41 -6.93
N ALA E 55 21.05 -3.36 -7.26
CA ALA E 55 19.98 -3.60 -6.29
C ALA E 55 18.74 -4.12 -7.02
N TYR E 56 17.67 -4.44 -6.26
CA TYR E 56 16.40 -4.96 -6.78
C TYR E 56 15.20 -4.09 -6.41
N ALA E 57 14.25 -3.94 -7.36
CA ALA E 57 12.94 -3.38 -7.04
C ALA E 57 12.04 -4.47 -6.44
N VAL E 58 11.48 -4.21 -5.26
CA VAL E 58 10.75 -5.21 -4.49
C VAL E 58 9.31 -4.72 -4.34
N ILE E 59 8.40 -5.36 -5.06
CA ILE E 59 7.03 -4.87 -5.13
C ILE E 59 6.11 -6.01 -4.71
N LYS E 60 5.29 -5.76 -3.70
CA LYS E 60 4.36 -6.77 -3.25
C LYS E 60 3.20 -6.88 -4.24
N ALA E 61 2.79 -8.13 -4.55
CA ALA E 61 1.88 -8.34 -5.66
C ALA E 61 0.58 -7.57 -5.48
N THR E 62 0.08 -7.50 -4.24
CA THR E 62 -1.13 -6.75 -3.95
C THR E 62 -0.94 -5.24 -4.04
N SER E 63 0.28 -4.78 -4.35
CA SER E 63 0.51 -3.36 -4.60
C SER E 63 0.55 -3.03 -6.10
N VAL E 64 0.50 -4.01 -6.99
CA VAL E 64 0.57 -3.75 -8.43
C VAL E 64 -0.82 -3.70 -9.04
N MET E 65 -1.07 -2.70 -9.88
CA MET E 65 -2.27 -2.65 -10.70
C MET E 65 -1.92 -3.04 -12.12
N ILE E 66 -2.95 -3.13 -12.95
CA ILE E 66 -2.82 -3.51 -14.35
C ILE E 66 -3.53 -2.44 -15.19
N GLY E 67 -2.96 -2.11 -16.34
CA GLY E 67 -3.63 -1.18 -17.25
C GLY E 67 -3.57 -1.64 -18.69
N ILE E 68 -4.50 -1.07 -19.48
CA ILE E 68 -4.65 -1.31 -20.92
C ILE E 68 -4.79 -0.02 -21.73
N ASP E 69 -5.20 -0.14 -22.99
CA ASP E 69 -5.57 1.03 -23.84
C ASP E 69 -4.37 1.94 -24.13
N LYS F 2 -13.49 1.11 16.00
CA LYS F 2 -13.23 -0.20 15.41
C LYS F 2 -12.80 -0.07 13.93
N LEU F 3 -11.49 -0.14 13.72
CA LEU F 3 -10.90 -0.18 12.40
C LEU F 3 -10.54 -1.62 12.05
N SER F 4 -10.68 -1.98 10.78
CA SER F 4 -10.49 -3.35 10.30
C SER F 4 -9.04 -3.86 10.36
N ALA F 5 -8.07 -3.08 10.85
CA ALA F 5 -6.67 -3.49 10.79
C ALA F 5 -6.38 -4.64 11.75
N ARG F 6 -5.90 -5.75 11.20
CA ARG F 6 -5.48 -6.89 12.01
C ARG F 6 -4.25 -6.52 12.84
N ASN F 7 -3.38 -5.64 12.31
CA ASN F 7 -2.20 -5.12 13.01
C ASN F 7 -2.48 -3.78 13.67
N GLN F 8 -2.85 -3.81 14.93
CA GLN F 8 -2.95 -2.61 15.73
C GLN F 8 -1.98 -2.81 16.88
N LEU F 9 -0.77 -2.32 16.71
CA LEU F 9 0.37 -2.60 17.59
C LEU F 9 0.50 -1.47 18.61
N ALA F 10 0.40 -1.78 19.89
CA ALA F 10 0.46 -0.74 20.92
C ALA F 10 1.89 -0.46 21.35
N GLY F 11 2.23 0.82 21.47
CA GLY F 11 3.56 1.21 21.92
C GLY F 11 3.64 2.68 22.21
N LYS F 12 4.80 3.08 22.73
CA LYS F 12 5.10 4.47 23.07
C LYS F 12 6.06 5.07 22.04
N VAL F 13 5.77 6.33 21.69
CA VAL F 13 6.55 7.07 20.69
C VAL F 13 7.97 7.27 21.21
N VAL F 14 8.95 6.94 20.38
CA VAL F 14 10.35 7.10 20.74
C VAL F 14 10.99 8.30 20.07
N SER F 15 10.63 8.59 18.84
CA SER F 15 11.20 9.74 18.16
C SER F 15 10.21 10.22 17.11
N ILE F 16 10.27 11.52 16.81
CA ILE F 16 9.48 12.11 15.73
C ILE F 16 10.43 12.97 14.90
N LYS F 17 10.64 12.55 13.65
CA LYS F 17 11.49 13.24 12.69
C LYS F 17 10.62 14.13 11.80
N GLU F 18 10.86 15.43 11.90
CA GLU F 18 10.04 16.48 11.32
C GLU F 18 10.43 16.75 9.87
N GLY F 19 9.42 17.06 9.07
CA GLY F 19 9.63 17.46 7.70
C GLY F 19 8.64 18.53 7.31
N ALA F 20 8.79 19.00 6.06
CA ALA F 20 7.86 20.00 5.57
C ALA F 20 6.49 19.41 5.36
N VAL F 21 6.42 18.24 4.71
CA VAL F 21 5.16 17.62 4.34
C VAL F 21 4.95 16.29 5.05
N ASN F 22 5.97 15.42 5.05
CA ASN F 22 5.86 14.16 5.77
C ASN F 22 6.83 14.12 6.95
N GLY F 23 6.52 13.27 7.94
CA GLY F 23 7.42 13.00 9.04
C GLY F 23 7.43 11.51 9.34
N ILE F 24 8.35 11.10 10.22
CA ILE F 24 8.54 9.67 10.52
C ILE F 24 8.53 9.46 12.03
N VAL F 25 7.56 8.68 12.52
CA VAL F 25 7.53 8.29 13.93
C VAL F 25 8.07 6.87 14.10
N VAL F 26 8.66 6.62 15.27
CA VAL F 26 9.15 5.30 15.64
C VAL F 26 8.58 4.96 17.01
N LEU F 27 7.86 3.84 17.09
CA LEU F 27 7.21 3.35 18.31
C LEU F 27 7.95 2.14 18.84
N ASP F 28 8.12 2.05 20.16
CA ASP F 28 8.55 0.79 20.79
C ASP F 28 7.28 0.07 21.24
N ILE F 29 6.91 -0.98 20.50
CA ILE F 29 5.68 -1.72 20.77
C ILE F 29 5.89 -2.76 21.86
N GLY F 30 7.07 -2.76 22.49
CA GLY F 30 7.34 -3.56 23.64
C GLY F 30 8.00 -4.85 23.25
N GLY F 31 8.95 -5.32 24.04
CA GLY F 31 9.64 -6.54 23.67
C GLY F 31 10.79 -6.35 22.71
N GLY F 32 11.40 -5.17 22.70
CA GLY F 32 12.48 -4.88 21.78
C GLY F 32 12.09 -4.73 20.33
N ASN F 33 10.82 -4.48 20.05
CA ASN F 33 10.36 -4.31 18.69
C ASN F 33 10.09 -2.83 18.49
N GLN F 34 10.35 -2.35 17.28
CA GLN F 34 10.07 -0.97 16.94
C GLN F 34 9.43 -0.90 15.56
N ILE F 35 8.48 0.02 15.41
CA ILE F 35 7.76 0.23 14.15
C ILE F 35 8.04 1.66 13.69
N SER F 36 8.21 1.85 12.37
CA SER F 36 8.33 3.20 11.81
C SER F 36 7.16 3.49 10.87
N SER F 37 6.63 4.71 11.00
CA SER F 37 5.45 5.17 10.29
C SER F 37 5.74 6.56 9.75
N THR F 38 5.86 6.68 8.44
CA THR F 38 5.97 7.95 7.75
C THR F 38 4.56 8.50 7.52
N ILE F 39 4.26 9.64 8.12
CA ILE F 39 2.94 10.22 7.98
C ILE F 39 3.08 11.74 7.80
N SER F 40 1.98 12.37 7.38
CA SER F 40 1.97 13.81 7.17
C SER F 40 2.24 14.51 8.50
N MET F 41 2.89 15.67 8.41
CA MET F 41 3.17 16.42 9.63
C MET F 41 1.88 16.96 10.22
N ASP F 42 0.96 17.43 9.36
CA ASP F 42 -0.36 17.87 9.80
C ASP F 42 -1.15 16.76 10.50
N SER F 43 -0.93 15.50 10.12
CA SER F 43 -1.62 14.39 10.80
C SER F 43 -1.01 14.15 12.19
N ILE F 44 0.32 14.35 12.34
CA ILE F 44 0.94 14.35 13.67
C ILE F 44 0.37 15.49 14.50
N ARG F 45 -0.09 16.55 13.84
CA ARG F 45 -0.69 17.67 14.55
C ARG F 45 -1.98 17.22 15.22
N GLU F 46 -2.91 16.68 14.42
CA GLU F 46 -4.20 16.30 14.97
C GLU F 46 -4.05 15.29 16.09
N LEU F 47 -3.13 14.34 15.93
CA LEU F 47 -2.94 13.33 16.95
C LEU F 47 -2.07 13.81 18.09
N GLY F 48 -1.38 14.93 17.93
CA GLY F 48 -0.65 15.48 19.06
C GLY F 48 0.51 14.64 19.52
N LEU F 49 1.18 13.94 18.60
CA LEU F 49 2.21 12.99 19.02
C LEU F 49 3.43 13.73 19.55
N GLN F 50 3.76 13.45 20.81
CA GLN F 50 5.03 13.82 21.41
C GLN F 50 5.79 12.56 21.80
N VAL F 51 7.09 12.70 22.07
CA VAL F 51 7.88 11.53 22.46
C VAL F 51 7.37 10.98 23.78
N GLY F 52 7.33 9.66 23.89
CA GLY F 52 6.83 9.03 25.11
C GLY F 52 5.33 8.94 25.17
N SER F 53 4.62 9.31 24.10
CA SER F 53 3.17 9.26 24.04
C SER F 53 2.68 7.83 23.78
N ASP F 54 1.45 7.56 24.21
CA ASP F 54 0.86 6.23 24.03
C ASP F 54 0.10 6.23 22.72
N ALA F 55 0.47 5.32 21.82
CA ALA F 55 -0.24 5.23 20.55
C ALA F 55 -0.21 3.79 20.07
N TYR F 56 -0.87 3.56 18.93
CA TYR F 56 -0.82 2.28 18.26
C TYR F 56 -0.31 2.47 16.84
N ALA F 57 0.57 1.55 16.42
CA ALA F 57 0.97 1.40 15.03
C ALA F 57 -0.11 0.61 14.32
N VAL F 58 -0.61 1.12 13.20
CA VAL F 58 -1.73 0.51 12.52
C VAL F 58 -1.32 0.10 11.13
N ILE F 59 -1.32 -1.22 10.88
CA ILE F 59 -0.90 -1.81 9.61
C ILE F 59 -2.01 -2.73 9.08
N LYS F 60 -2.42 -2.51 7.83
CA LYS F 60 -3.38 -3.38 7.13
C LYS F 60 -2.71 -4.68 6.74
N ALA F 61 -3.48 -5.78 6.81
CA ALA F 61 -2.91 -7.12 6.60
C ALA F 61 -2.28 -7.27 5.22
N THR F 62 -2.85 -6.66 4.18
CA THR F 62 -2.32 -6.83 2.82
C THR F 62 -1.00 -6.11 2.55
N SER F 63 -0.48 -5.29 3.48
CA SER F 63 0.82 -4.65 3.29
C SER F 63 1.94 -5.38 4.03
N VAL F 64 1.64 -6.46 4.73
CA VAL F 64 2.66 -7.17 5.47
C VAL F 64 3.24 -8.25 4.58
N MET F 65 4.56 -8.24 4.44
CA MET F 65 5.24 -9.33 3.79
C MET F 65 5.91 -10.19 4.86
N ILE F 66 6.36 -11.34 4.44
CA ILE F 66 6.96 -12.30 5.32
C ILE F 66 8.31 -12.60 4.70
N GLY F 67 9.33 -12.67 5.51
CA GLY F 67 10.63 -13.02 5.05
C GLY F 67 11.21 -14.07 5.97
N ILE F 68 12.20 -14.79 5.45
CA ILE F 68 12.87 -15.78 6.25
C ILE F 68 14.37 -15.67 6.04
N ASP F 69 15.10 -16.41 6.84
CA ASP F 69 16.53 -16.56 6.64
C ASP F 69 16.74 -17.23 5.28
S SO4 G . 4.26 8.76 -6.59
O1 SO4 G . 4.04 10.17 -7.07
O2 SO4 G . 3.08 8.44 -5.71
O3 SO4 G . 4.34 7.83 -7.80
O4 SO4 G . 5.49 8.71 -5.70
S SO4 H . 10.78 2.29 4.84
O1 SO4 H . 11.87 3.19 5.38
O2 SO4 H . 10.29 1.46 5.98
O3 SO4 H . 9.66 3.18 4.34
O4 SO4 H . 11.27 1.38 3.71
S SO4 I . -8.91 -15.93 -2.10
O1 SO4 I . -8.60 -14.63 -1.41
O2 SO4 I . -10.05 -16.66 -1.41
O3 SO4 I . -9.32 -15.63 -3.54
O4 SO4 I . -7.66 -16.76 -1.99
S SO4 J . -7.52 -4.39 -6.46
O1 SO4 J . -7.58 -3.41 -5.34
O2 SO4 J . -8.10 -5.69 -5.93
O3 SO4 J . -8.28 -3.90 -7.69
O4 SO4 J . -6.08 -4.57 -6.82
S SO4 K . 9.65 15.16 1.38
O1 SO4 K . 9.17 16.07 2.48
O2 SO4 K . 9.01 13.78 1.43
O3 SO4 K . 9.30 15.82 0.07
O4 SO4 K . 11.15 15.06 1.57
S SO4 L . -3.21 10.74 5.59
O1 SO4 L . -2.83 12.20 5.51
O2 SO4 L . -3.65 10.39 6.96
O3 SO4 L . -4.38 10.45 4.68
O4 SO4 L . -1.99 9.87 5.32
S SO4 M . 3.05 -10.94 -2.37
O1 SO4 M . 1.84 -10.05 -2.25
O2 SO4 M . 3.35 -11.54 -1.02
O3 SO4 M . 2.72 -11.99 -3.40
O4 SO4 M . 4.24 -10.16 -2.85
S SO4 N . -7.15 -6.04 7.13
O1 SO4 N . -7.80 -4.70 7.36
O2 SO4 N . -8.02 -7.13 7.70
O3 SO4 N . -7.07 -6.32 5.64
O4 SO4 N . -5.79 -6.03 7.77
#